data_8QZZ
#
_entry.id   8QZZ
#
_cell.length_a   120.594
_cell.length_b   120.594
_cell.length_c   158.259
_cell.angle_alpha   90.00
_cell.angle_beta   90.00
_cell.angle_gamma   90.00
#
_symmetry.space_group_name_H-M   'P 41 21 2'
#
loop_
_entity.id
_entity.type
_entity.pdbx_description
1 polymer 'Eukaryotic translation initiation factor 2 subunit 3'
2 polymer 'Eukaryotic translation initiation factor 2 subunit 1'
3 polymer 'Protein phosphatase 1 regulatory subunit 15A'
4 non-polymer 'PHOSPHOAMINOPHOSPHONIC ACID-GUANYLATE ESTER'
#
loop_
_entity_poly.entity_id
_entity_poly.type
_entity_poly.pdbx_seq_one_letter_code
_entity_poly.pdbx_strand_id
1 'polypeptide(L)'
;MAGGEAGVTLGQPHLSRQDLTTLDVTKLTPLSHEVISRQATINIGTIGHVAHGKSTVVKAISGVHTVRFKNELERNITIK
LGYANAKIYKLDDPSCPRPECYRSCGSSTPDEFPTDIPGTKGNFKLVRHVSFVDCPGHDILMATMLNGAAVMDAALLLIA
GNESCPQPQTSEHLAAIEIMKLKHILILQNKIDLVKESQAKEQYEQILAFVQGTVAEGAPIIPISAQLKYNIEVVCEYIV
KKIPVPPRDFTSEPRLIVIRSFDVNKPGCEVDDLKGGVAGGSILKGVLKVGQEIEVRPGIVSKDSEGKLMCKPIFSKIVS
LFAEHNDLQYAAPGGLIGVGTKIDPTLCRADRMVGQVLGAVGALPEIFTELEISYFLLRRLLGVRTEGDKKAAKVQKLSK
NEVLMVNIGSLSTGGRVSAVKADLGKIVLTNPVCTEVGEKIALSRRVEKHWRLIGWGQIRRGVTIKPTVDDD
;
A
2 'polypeptide(L)'
;MPGLSCRFYQHKFPEVEDVVMVNVRSIAEMGAYVSLLEYNNIEGMILLSELSRRRIRSINKLIRIGRNECVVVIRVDKEK
GYIDLSKRRVSPEEAIKCEDKFTKSKTVYSILRHVAEVLEYTKDEQLESLFQRTAWVFDDKYKRPGYGAYDAFKHAVSDP
SILDSLDLNEDEREVLINNINRRLTPQAVKIRADIEVACYGYEGIDAVKEALRAGLNCSTENMPIKINLIAPPRYVMTTT
TLERTEGLSVLSQAMAVIKEKIEEKRGVFNVQMEPKVVTDTDETELARQMERLERENAEVDGDDDAEEMEAKAED
;
B
3 'polypeptide(L)' ASTPPASAFLKAWVYRPGEDTEEEEDEDVDSED C
#
# COMPACT_ATOMS: atom_id res chain seq x y z
N LEU A 10 -2.22 -4.05 -21.46
CA LEU A 10 -2.87 -4.70 -22.61
C LEU A 10 -3.51 -6.01 -22.15
N GLY A 11 -3.18 -6.50 -20.94
CA GLY A 11 -3.44 -7.90 -20.61
C GLY A 11 -4.93 -8.27 -20.50
N GLN A 12 -5.77 -7.22 -20.54
CA GLN A 12 -7.21 -7.35 -20.40
C GLN A 12 -7.81 -6.63 -21.58
N PRO A 13 -8.14 -7.33 -22.69
CA PRO A 13 -8.47 -6.69 -23.97
C PRO A 13 -9.88 -6.11 -24.06
N HIS A 14 -10.68 -6.36 -23.04
CA HIS A 14 -12.00 -5.77 -22.95
C HIS A 14 -11.95 -4.38 -22.37
N LEU A 15 -10.82 -4.02 -21.75
CA LEU A 15 -10.77 -2.77 -21.04
C LEU A 15 -10.08 -1.72 -21.91
N SER A 16 -10.10 -0.49 -21.39
CA SER A 16 -9.49 0.68 -22.02
C SER A 16 -8.08 0.39 -22.50
N ARG A 17 -7.81 0.68 -23.78
CA ARG A 17 -6.47 0.70 -24.32
C ARG A 17 -5.92 2.09 -23.99
N GLN A 18 -5.32 2.21 -22.81
CA GLN A 18 -4.53 3.34 -22.43
C GLN A 18 -3.32 3.43 -23.33
N ASP A 19 -2.81 4.65 -23.60
CA ASP A 19 -1.70 4.80 -24.54
C ASP A 19 -0.85 6.00 -24.15
N LEU A 20 0.45 5.81 -23.93
CA LEU A 20 1.25 6.91 -23.45
C LEU A 20 1.52 7.96 -24.53
N THR A 21 1.38 7.58 -25.81
CA THR A 21 1.60 8.53 -26.87
C THR A 21 0.51 9.60 -26.84
N THR A 22 -0.72 9.21 -26.44
CA THR A 22 -1.88 10.09 -26.49
C THR A 22 -2.17 10.75 -25.14
N LEU A 23 -1.79 10.17 -24.03
CA LEU A 23 -2.07 10.69 -22.72
C LEU A 23 -1.80 12.19 -22.66
N ASP A 24 -2.84 12.91 -22.26
CA ASP A 24 -2.68 14.30 -21.89
C ASP A 24 -3.13 14.41 -20.45
N VAL A 25 -2.19 14.72 -19.58
CA VAL A 25 -2.52 14.66 -18.18
C VAL A 25 -3.40 15.84 -17.77
N THR A 26 -3.47 16.89 -18.62
CA THR A 26 -4.37 18.02 -18.32
C THR A 26 -5.85 17.65 -18.48
N LYS A 27 -6.10 16.68 -19.35
CA LYS A 27 -7.41 16.19 -19.70
C LYS A 27 -7.90 15.04 -18.79
N LEU A 28 -7.16 14.63 -17.78
CA LEU A 28 -7.65 13.53 -16.96
C LEU A 28 -8.61 14.14 -15.96
N THR A 29 -9.67 13.36 -15.64
CA THR A 29 -10.64 13.66 -14.61
C THR A 29 -10.95 12.37 -13.86
N PRO A 30 -11.45 12.42 -12.63
CA PRO A 30 -11.69 11.20 -11.87
C PRO A 30 -12.72 10.30 -12.52
N LEU A 31 -13.19 10.67 -13.69
CA LEU A 31 -14.22 9.92 -14.40
C LEU A 31 -13.76 9.58 -15.82
N SER A 32 -12.48 9.83 -16.16
CA SER A 32 -12.04 9.54 -17.52
C SER A 32 -12.13 8.04 -17.77
N HIS A 33 -12.86 7.58 -18.78
CA HIS A 33 -13.13 6.15 -18.92
C HIS A 33 -11.83 5.39 -19.05
N GLU A 34 -10.83 5.98 -19.72
CA GLU A 34 -9.51 5.42 -19.94
C GLU A 34 -8.99 4.83 -18.64
N VAL A 35 -9.16 5.64 -17.62
CA VAL A 35 -8.66 5.36 -16.31
C VAL A 35 -9.65 4.49 -15.56
N ILE A 36 -10.83 5.00 -15.38
CA ILE A 36 -11.84 4.33 -14.58
C ILE A 36 -12.12 2.89 -15.05
N SER A 37 -11.97 2.60 -16.35
CA SER A 37 -12.12 1.26 -16.87
C SER A 37 -11.29 0.28 -16.09
N ARG A 38 -10.14 0.69 -15.51
CA ARG A 38 -9.15 -0.23 -14.99
C ARG A 38 -8.83 0.01 -13.51
N GLN A 39 -8.81 1.30 -13.09
CA GLN A 39 -8.48 1.62 -11.71
C GLN A 39 -9.54 2.47 -11.04
N ALA A 40 -9.61 2.38 -9.72
CA ALA A 40 -10.50 3.24 -8.97
C ALA A 40 -9.93 4.64 -8.93
N THR A 41 -10.81 5.64 -8.81
CA THR A 41 -10.38 7.04 -8.82
C THR A 41 -10.81 7.80 -7.59
N ILE A 42 -11.53 7.11 -6.66
CA ILE A 42 -12.08 7.76 -5.48
C ILE A 42 -12.13 6.77 -4.32
N ASN A 43 -11.83 7.24 -3.10
CA ASN A 43 -11.62 6.35 -1.97
C ASN A 43 -12.65 6.61 -0.85
N ILE A 44 -13.23 5.52 -0.33
CA ILE A 44 -14.37 5.56 0.57
C ILE A 44 -14.00 4.76 1.81
N GLY A 45 -13.80 5.43 2.95
CA GLY A 45 -13.41 4.64 4.10
C GLY A 45 -14.55 3.91 4.76
N THR A 46 -14.28 2.73 5.33
CA THR A 46 -15.29 2.07 6.14
C THR A 46 -14.91 2.15 7.60
N ILE A 47 -15.84 2.73 8.41
CA ILE A 47 -15.62 3.05 9.82
C ILE A 47 -16.82 2.60 10.64
N GLY A 48 -16.60 2.27 11.93
CA GLY A 48 -17.71 1.83 12.75
C GLY A 48 -17.30 1.36 14.14
N HIS A 49 -17.66 0.12 14.45
CA HIS A 49 -17.28 -0.56 15.69
C HIS A 49 -17.09 -2.04 15.34
N VAL A 50 -16.42 -2.79 16.22
CA VAL A 50 -16.18 -4.20 15.94
C VAL A 50 -17.50 -4.94 15.67
N ALA A 51 -17.49 -5.87 14.70
CA ALA A 51 -18.62 -6.65 14.21
C ALA A 51 -19.80 -5.83 13.64
N HIS A 52 -19.64 -4.51 13.38
CA HIS A 52 -20.71 -3.71 12.76
C HIS A 52 -20.87 -4.00 11.25
N GLY A 53 -20.05 -4.90 10.68
CA GLY A 53 -20.15 -5.30 9.29
C GLY A 53 -19.29 -4.48 8.32
N LYS A 54 -18.23 -3.81 8.80
CA LYS A 54 -17.45 -2.90 7.94
C LYS A 54 -16.92 -3.62 6.70
N SER A 55 -16.01 -4.57 6.91
CA SER A 55 -15.43 -5.33 5.83
C SER A 55 -16.50 -6.04 5.02
N THR A 56 -17.60 -6.43 5.67
CA THR A 56 -18.64 -7.24 5.03
C THR A 56 -19.45 -6.43 4.02
N VAL A 57 -19.67 -5.14 4.29
CA VAL A 57 -20.26 -4.22 3.31
C VAL A 57 -19.39 -4.14 2.06
N VAL A 58 -18.07 -3.99 2.27
CA VAL A 58 -17.15 -3.88 1.16
C VAL A 58 -17.20 -5.19 0.36
N LYS A 59 -17.18 -6.34 1.07
CA LYS A 59 -17.25 -7.67 0.45
C LYS A 59 -18.54 -7.80 -0.36
N ALA A 60 -19.64 -7.19 0.11
CA ALA A 60 -20.92 -7.23 -0.59
C ALA A 60 -20.89 -6.34 -1.84
N ILE A 61 -20.34 -5.13 -1.75
CA ILE A 61 -20.31 -4.23 -2.90
C ILE A 61 -19.37 -4.74 -3.99
N SER A 62 -18.22 -5.29 -3.60
CA SER A 62 -17.11 -5.53 -4.50
C SER A 62 -16.92 -7.01 -4.88
N GLY A 63 -17.14 -7.95 -3.96
CA GLY A 63 -16.70 -9.33 -4.18
C GLY A 63 -15.30 -9.64 -3.62
N VAL A 64 -14.58 -8.59 -3.19
CA VAL A 64 -13.21 -8.73 -2.70
C VAL A 64 -13.22 -9.36 -1.29
N HIS A 65 -12.19 -10.16 -0.92
CA HIS A 65 -11.99 -10.52 0.50
C HIS A 65 -10.74 -9.84 1.17
N THR A 66 -10.66 -8.48 1.21
CA THR A 66 -9.50 -7.77 1.78
C THR A 66 -9.84 -6.60 2.72
N LYS A 80 -1.38 -0.49 8.36
CA LYS A 80 -1.95 -1.89 8.30
C LYS A 80 -3.15 -2.02 7.34
N LEU A 81 -3.49 -0.95 6.58
CA LEU A 81 -4.78 -0.72 5.91
C LEU A 81 -5.04 -1.72 4.79
N GLY A 82 -6.32 -1.80 4.35
CA GLY A 82 -6.76 -2.75 3.33
C GLY A 82 -7.63 -2.07 2.28
N TYR A 83 -7.53 -2.47 1.01
CA TYR A 83 -8.13 -1.74 -0.10
C TYR A 83 -8.89 -2.71 -1.00
N ALA A 84 -10.09 -2.27 -1.43
CA ALA A 84 -10.92 -3.05 -2.33
C ALA A 84 -11.61 -2.14 -3.35
N ASN A 85 -11.37 -2.34 -4.63
CA ASN A 85 -11.99 -1.57 -5.68
C ASN A 85 -13.34 -2.22 -6.06
N ALA A 86 -14.28 -1.37 -6.48
CA ALA A 86 -15.54 -1.79 -7.04
C ALA A 86 -16.01 -0.82 -8.11
N LYS A 87 -16.44 -1.38 -9.23
CA LYS A 87 -17.05 -0.61 -10.29
C LYS A 87 -18.54 -0.48 -10.03
N ILE A 88 -19.13 0.63 -10.47
CA ILE A 88 -20.49 0.97 -10.15
C ILE A 88 -21.16 1.40 -11.44
N TYR A 89 -22.32 0.78 -11.70
CA TYR A 89 -22.96 0.86 -12.99
C TYR A 89 -24.40 1.35 -12.89
N LYS A 90 -24.89 1.98 -13.97
CA LYS A 90 -26.27 2.40 -14.08
C LYS A 90 -26.86 1.76 -15.33
N LEU A 91 -28.04 1.19 -15.19
CA LEU A 91 -28.76 0.67 -16.34
C LEU A 91 -29.25 1.85 -17.19
N ASP A 92 -28.96 1.82 -18.49
CA ASP A 92 -29.37 2.86 -19.42
C ASP A 92 -30.77 2.58 -19.99
N ASP A 93 -31.75 2.34 -19.10
CA ASP A 93 -33.15 2.07 -19.45
C ASP A 93 -34.02 3.04 -18.66
N PRO A 94 -34.94 3.81 -19.30
CA PRO A 94 -35.91 4.63 -18.55
C PRO A 94 -36.85 3.82 -17.67
N SER A 95 -37.09 2.54 -18.08
CA SER A 95 -38.04 1.60 -17.48
C SER A 95 -37.49 0.93 -16.23
N CYS A 96 -36.35 1.40 -15.77
CA CYS A 96 -35.85 0.92 -14.52
C CYS A 96 -36.68 1.48 -13.37
N PRO A 97 -37.24 0.66 -12.42
CA PRO A 97 -37.68 1.20 -11.14
C PRO A 97 -36.48 1.57 -10.26
N ARG A 98 -36.53 2.72 -9.58
CA ARG A 98 -35.52 3.04 -8.59
C ARG A 98 -35.63 2.08 -7.40
N PRO A 99 -34.54 1.70 -6.69
CA PRO A 99 -33.16 2.12 -6.97
C PRO A 99 -32.38 1.18 -7.88
N GLU A 100 -33.04 0.15 -8.44
CA GLU A 100 -32.37 -0.99 -9.06
C GLU A 100 -31.72 -0.62 -10.39
N CYS A 101 -31.76 0.68 -10.75
CA CYS A 101 -30.96 1.24 -11.83
C CYS A 101 -29.47 0.97 -11.58
N TYR A 102 -29.04 0.93 -10.31
CA TYR A 102 -27.64 0.81 -9.92
C TYR A 102 -27.19 -0.64 -9.65
N ARG A 103 -25.89 -0.91 -9.94
CA ARG A 103 -25.21 -2.18 -9.66
C ARG A 103 -23.73 -1.95 -9.31
N SER A 104 -23.07 -2.94 -8.71
CA SER A 104 -21.62 -2.89 -8.49
C SER A 104 -20.95 -4.20 -8.92
N CYS A 105 -19.66 -4.13 -9.24
CA CYS A 105 -18.92 -5.31 -9.62
C CYS A 105 -17.41 -5.21 -9.41
N GLY A 106 -16.75 -6.37 -9.57
CA GLY A 106 -15.31 -6.49 -9.37
C GLY A 106 -14.52 -5.69 -10.43
N SER A 107 -13.32 -5.21 -10.06
CA SER A 107 -12.60 -4.20 -10.86
C SER A 107 -12.35 -4.73 -12.27
N SER A 108 -12.22 -6.04 -12.45
CA SER A 108 -11.87 -6.62 -13.75
C SER A 108 -13.07 -6.78 -14.70
N THR A 109 -14.31 -6.42 -14.28
CA THR A 109 -15.54 -6.69 -15.06
C THR A 109 -15.74 -5.71 -16.20
N PRO A 110 -16.46 -6.08 -17.26
CA PRO A 110 -16.48 -5.21 -18.45
C PRO A 110 -17.26 -3.92 -18.16
N ASP A 111 -17.01 -2.90 -18.96
CA ASP A 111 -17.53 -1.58 -18.65
C ASP A 111 -18.99 -1.42 -19.07
N GLU A 112 -19.52 -2.37 -19.86
CA GLU A 112 -20.94 -2.50 -20.15
C GLU A 112 -21.31 -3.97 -20.11
N PHE A 113 -22.52 -4.24 -19.61
CA PHE A 113 -23.15 -5.53 -19.81
C PHE A 113 -24.68 -5.43 -19.86
N PRO A 114 -25.36 -6.31 -20.62
CA PRO A 114 -26.83 -6.31 -20.66
C PRO A 114 -27.45 -6.56 -19.29
N THR A 115 -28.67 -6.04 -19.10
CA THR A 115 -29.34 -6.12 -17.81
C THR A 115 -29.75 -7.54 -17.41
N ASP A 116 -29.67 -7.85 -16.09
CA ASP A 116 -30.26 -9.03 -15.45
C ASP A 116 -31.77 -8.91 -15.29
N ILE A 117 -32.27 -7.69 -15.05
CA ILE A 117 -33.58 -7.51 -14.46
C ILE A 117 -34.67 -7.77 -15.49
N PRO A 118 -35.53 -8.81 -15.29
CA PRO A 118 -36.45 -9.21 -16.35
C PRO A 118 -37.44 -8.08 -16.66
N GLY A 119 -37.84 -8.01 -17.94
CA GLY A 119 -38.70 -6.94 -18.43
C GLY A 119 -37.96 -5.65 -18.74
N THR A 120 -36.85 -5.35 -18.03
CA THR A 120 -35.99 -4.21 -18.38
C THR A 120 -35.09 -4.58 -19.56
N LYS A 121 -34.63 -3.56 -20.30
CA LYS A 121 -33.92 -3.78 -21.55
C LYS A 121 -32.83 -2.72 -21.74
N GLY A 122 -31.70 -3.08 -22.36
CA GLY A 122 -30.55 -2.21 -22.42
C GLY A 122 -29.38 -2.71 -21.58
N ASN A 123 -28.31 -1.93 -21.59
CA ASN A 123 -27.07 -2.30 -20.90
C ASN A 123 -26.89 -1.48 -19.63
N PHE A 124 -26.41 -2.14 -18.56
CA PHE A 124 -25.70 -1.46 -17.51
C PHE A 124 -24.43 -0.86 -18.11
N LYS A 125 -24.15 0.40 -17.75
CA LYS A 125 -22.97 1.11 -18.20
C LYS A 125 -22.20 1.62 -16.97
N LEU A 126 -20.87 1.60 -17.02
CA LEU A 126 -20.03 1.99 -15.90
C LEU A 126 -20.14 3.49 -15.65
N VAL A 127 -20.46 3.88 -14.43
CA VAL A 127 -20.57 5.27 -14.05
C VAL A 127 -19.34 5.68 -13.27
N ARG A 128 -18.97 4.87 -12.26
CA ARG A 128 -17.89 5.18 -11.31
C ARG A 128 -17.12 3.94 -10.85
N HIS A 129 -15.91 4.16 -10.34
CA HIS A 129 -15.03 3.09 -9.91
C HIS A 129 -14.35 3.63 -8.67
N VAL A 130 -14.59 2.92 -7.56
CA VAL A 130 -14.27 3.44 -6.24
C VAL A 130 -13.40 2.42 -5.53
N SER A 131 -12.69 2.87 -4.49
CA SER A 131 -11.92 1.98 -3.64
C SER A 131 -12.34 2.13 -2.18
N PHE A 132 -12.54 1.01 -1.49
CA PHE A 132 -12.97 1.03 -0.12
C PHE A 132 -11.74 0.83 0.73
N VAL A 133 -11.53 1.77 1.65
CA VAL A 133 -10.33 1.79 2.46
C VAL A 133 -10.75 1.26 3.82
N ASP A 134 -10.62 -0.06 3.98
CA ASP A 134 -11.05 -0.74 5.18
C ASP A 134 -9.89 -0.83 6.17
N CYS A 135 -10.27 -0.99 7.44
CA CYS A 135 -9.35 -0.87 8.55
C CYS A 135 -9.78 -1.89 9.59
N PRO A 136 -8.86 -2.39 10.44
CA PRO A 136 -9.29 -2.93 11.74
C PRO A 136 -10.19 -1.96 12.54
N LEU A 141 -6.52 2.72 12.29
CA LEU A 141 -7.57 3.37 11.43
C LEU A 141 -7.62 4.88 11.78
N MET A 142 -7.75 5.18 13.11
CA MET A 142 -7.71 6.56 13.63
C MET A 142 -6.35 7.20 13.26
N ALA A 143 -5.23 6.47 13.50
CA ALA A 143 -3.90 7.00 13.17
C ALA A 143 -3.76 7.43 11.68
N THR A 144 -4.17 6.50 10.80
CA THR A 144 -4.13 6.64 9.35
C THR A 144 -5.02 7.80 8.86
N MET A 145 -6.18 7.94 9.49
CA MET A 145 -7.10 9.04 9.26
C MET A 145 -6.47 10.40 9.57
N LEU A 146 -5.83 10.48 10.75
CA LEU A 146 -5.35 11.77 11.25
C LEU A 146 -4.05 12.22 10.57
N ASN A 147 -3.18 11.27 10.15
CA ASN A 147 -1.90 11.59 9.51
C ASN A 147 -2.02 11.72 7.97
N GLY A 148 -3.23 11.37 7.42
CA GLY A 148 -3.51 11.43 5.98
C GLY A 148 -2.82 10.35 5.13
N ALA A 149 -2.28 9.28 5.75
CA ALA A 149 -1.63 8.13 5.10
C ALA A 149 -2.59 7.47 4.08
N ALA A 150 -3.87 7.39 4.44
CA ALA A 150 -4.93 7.02 3.53
C ALA A 150 -5.78 8.24 3.26
N VAL A 151 -5.62 8.80 2.04
CA VAL A 151 -6.52 9.83 1.57
C VAL A 151 -7.87 9.12 1.45
N MET A 152 -8.84 9.58 2.27
CA MET A 152 -10.24 9.27 2.12
C MET A 152 -10.95 10.48 1.51
N ASP A 153 -11.54 10.19 0.34
CA ASP A 153 -12.36 11.22 -0.25
C ASP A 153 -13.79 11.28 0.35
N ALA A 154 -14.18 10.23 1.08
CA ALA A 154 -15.52 10.07 1.61
C ALA A 154 -15.51 8.92 2.60
N ALA A 155 -16.62 8.69 3.31
CA ALA A 155 -16.75 7.54 4.21
C ALA A 155 -18.14 6.91 4.21
N LEU A 156 -18.18 5.64 4.63
CA LEU A 156 -19.39 4.94 5.04
C LEU A 156 -19.30 4.74 6.55
N LEU A 157 -20.21 5.40 7.28
CA LEU A 157 -20.32 5.19 8.72
C LEU A 157 -21.29 4.04 8.99
N LEU A 158 -20.75 2.89 9.41
CA LEU A 158 -21.59 1.74 9.67
C LEU A 158 -22.06 1.78 11.13
N ILE A 159 -23.35 1.47 11.32
CA ILE A 159 -23.96 1.45 12.64
C ILE A 159 -24.89 0.25 12.73
N ALA A 160 -24.57 -0.69 13.62
CA ALA A 160 -25.37 -1.90 13.76
C ALA A 160 -26.65 -1.56 14.50
N GLY A 161 -27.81 -1.99 13.97
CA GLY A 161 -29.09 -1.79 14.63
C GLY A 161 -29.18 -2.50 16.00
N ASN A 162 -28.63 -3.72 16.07
CA ASN A 162 -28.68 -4.51 17.28
C ASN A 162 -27.98 -3.79 18.45
N GLU A 163 -27.27 -2.68 18.19
CA GLU A 163 -26.61 -1.91 19.24
C GLU A 163 -27.10 -0.46 19.19
N SER A 164 -26.82 0.34 20.23
CA SER A 164 -27.30 1.72 20.33
C SER A 164 -26.29 2.68 19.72
N CYS A 165 -26.68 3.95 19.63
CA CYS A 165 -25.80 4.95 19.05
C CYS A 165 -25.47 6.05 20.03
N PRO A 166 -24.19 6.50 20.13
CA PRO A 166 -23.04 5.80 19.56
C PRO A 166 -22.45 4.71 20.45
N GLN A 167 -21.93 3.63 19.85
CA GLN A 167 -20.95 2.77 20.50
C GLN A 167 -19.58 3.47 20.56
N PRO A 168 -18.65 3.08 21.46
CA PRO A 168 -17.44 3.88 21.70
C PRO A 168 -16.64 4.21 20.43
N GLN A 169 -16.22 3.19 19.66
CA GLN A 169 -15.47 3.41 18.43
C GLN A 169 -16.30 4.24 17.44
N THR A 170 -17.64 4.05 17.41
CA THR A 170 -18.49 4.80 16.49
C THR A 170 -18.34 6.31 16.73
N SER A 171 -18.42 6.72 18.01
CA SER A 171 -18.20 8.12 18.39
C SER A 171 -16.77 8.58 18.13
N GLU A 172 -15.80 7.72 18.45
CA GLU A 172 -14.38 8.02 18.28
C GLU A 172 -14.09 8.30 16.80
N HIS A 173 -14.57 7.40 15.94
CA HIS A 173 -14.47 7.56 14.50
C HIS A 173 -15.14 8.87 14.05
N LEU A 174 -16.33 9.20 14.55
CA LEU A 174 -17.00 10.41 14.08
C LEU A 174 -16.23 11.67 14.47
N ALA A 175 -15.62 11.67 15.66
CA ALA A 175 -14.71 12.74 16.04
C ALA A 175 -13.54 12.81 15.04
N ALA A 176 -13.01 11.63 14.66
CA ALA A 176 -11.92 11.54 13.67
C ALA A 176 -12.36 12.14 12.33
N ILE A 177 -13.61 11.90 11.93
CA ILE A 177 -14.15 12.44 10.69
C ILE A 177 -14.22 13.97 10.75
N GLU A 178 -14.74 14.48 11.87
CA GLU A 178 -14.82 15.91 12.11
C GLU A 178 -13.44 16.56 11.97
N ILE A 179 -12.46 15.96 12.62
CA ILE A 179 -11.05 16.35 12.55
C ILE A 179 -10.49 16.34 11.12
N MET A 180 -10.76 15.30 10.34
CA MET A 180 -10.28 15.17 8.96
C MET A 180 -11.09 16.06 7.99
N LYS A 181 -12.17 16.72 8.46
CA LYS A 181 -13.01 17.64 7.69
C LYS A 181 -13.69 16.99 6.46
N LEU A 182 -13.82 15.65 6.42
CA LEU A 182 -14.52 14.97 5.34
C LEU A 182 -15.99 15.28 5.44
N LYS A 183 -16.52 15.96 4.42
CA LYS A 183 -17.91 16.41 4.41
C LYS A 183 -18.82 15.32 3.89
N HIS A 184 -18.41 14.65 2.82
CA HIS A 184 -19.30 13.71 2.16
C HIS A 184 -19.23 12.39 2.91
N ILE A 185 -20.43 11.94 3.33
CA ILE A 185 -20.59 10.78 4.17
C ILE A 185 -21.88 10.07 3.79
N LEU A 186 -21.93 8.74 3.93
CA LEU A 186 -23.19 7.99 3.99
C LEU A 186 -23.23 7.21 5.30
N ILE A 187 -24.42 7.05 5.85
CA ILE A 187 -24.57 6.38 7.13
C ILE A 187 -25.39 5.12 6.88
N LEU A 188 -24.86 3.98 7.34
CA LEU A 188 -25.46 2.69 7.07
C LEU A 188 -25.94 2.00 8.34
N GLN A 189 -27.27 1.91 8.49
CA GLN A 189 -27.86 1.04 9.47
C GLN A 189 -27.79 -0.39 8.95
N ASN A 190 -26.86 -1.19 9.48
CA ASN A 190 -26.67 -2.58 9.02
C ASN A 190 -27.45 -3.56 9.91
N LYS A 191 -27.56 -4.84 9.46
CA LYS A 191 -28.11 -5.97 10.20
C LYS A 191 -29.64 -5.91 10.39
N ILE A 192 -30.33 -5.19 9.50
CA ILE A 192 -31.78 -5.04 9.55
C ILE A 192 -32.50 -6.39 9.37
N ASP A 193 -31.80 -7.44 8.94
CA ASP A 193 -32.37 -8.78 8.87
C ASP A 193 -32.71 -9.34 10.24
N LEU A 194 -32.03 -8.87 11.30
CA LEU A 194 -32.19 -9.35 12.66
C LEU A 194 -33.22 -8.52 13.43
N VAL A 195 -33.51 -7.30 12.97
CA VAL A 195 -34.09 -6.25 13.78
C VAL A 195 -35.47 -5.83 13.25
N LYS A 196 -36.49 -5.89 14.12
CA LYS A 196 -37.87 -5.57 13.76
C LYS A 196 -38.04 -4.05 13.52
N GLU A 197 -38.98 -3.66 12.64
CA GLU A 197 -39.11 -2.29 12.19
C GLU A 197 -39.29 -1.27 13.33
N SER A 198 -40.08 -1.65 14.34
CA SER A 198 -40.29 -0.85 15.55
C SER A 198 -38.94 -0.47 16.21
N GLN A 199 -38.12 -1.50 16.50
CA GLN A 199 -36.78 -1.32 17.08
C GLN A 199 -35.85 -0.56 16.12
N ALA A 200 -35.95 -0.85 14.80
CA ALA A 200 -35.11 -0.23 13.77
C ALA A 200 -35.28 1.28 13.76
N LYS A 201 -36.54 1.73 13.73
CA LYS A 201 -36.85 3.15 13.77
C LYS A 201 -36.50 3.77 15.12
N GLU A 202 -36.59 3.01 16.23
CA GLU A 202 -36.19 3.51 17.55
C GLU A 202 -34.71 3.94 17.57
N GLN A 203 -33.85 3.24 16.81
CA GLN A 203 -32.45 3.64 16.71
C GLN A 203 -32.28 4.93 15.88
N TYR A 204 -33.17 5.15 14.91
CA TYR A 204 -32.99 6.17 13.88
C TYR A 204 -32.78 7.56 14.51
N GLU A 205 -33.53 7.89 15.56
CA GLU A 205 -33.40 9.20 16.18
C GLU A 205 -32.09 9.28 16.98
N GLN A 206 -31.60 8.17 17.53
CA GLN A 206 -30.32 8.16 18.25
C GLN A 206 -29.22 8.62 17.31
N ILE A 207 -29.24 8.07 16.10
CA ILE A 207 -28.32 8.39 15.02
C ILE A 207 -28.47 9.88 14.69
N LEU A 208 -29.71 10.31 14.43
CA LEU A 208 -29.97 11.68 14.02
C LEU A 208 -29.45 12.65 15.09
N ALA A 209 -29.71 12.34 16.36
CA ALA A 209 -29.25 13.15 17.48
C ALA A 209 -27.72 13.16 17.59
N PHE A 210 -27.10 11.99 17.37
CA PHE A 210 -25.67 11.81 17.48
C PHE A 210 -24.92 12.59 16.38
N VAL A 211 -25.46 12.62 15.16
CA VAL A 211 -24.85 13.41 14.09
C VAL A 211 -25.19 14.90 14.22
N GLN A 212 -26.33 15.25 14.84
CA GLN A 212 -26.64 16.66 15.05
C GLN A 212 -25.54 17.29 15.90
N GLY A 213 -25.11 18.49 15.45
CA GLY A 213 -24.00 19.21 16.04
C GLY A 213 -22.62 18.73 15.58
N THR A 214 -22.56 17.93 14.50
CA THR A 214 -21.31 17.33 14.00
C THR A 214 -21.19 17.47 12.48
N VAL A 215 -20.00 17.18 11.93
CA VAL A 215 -19.76 17.31 10.50
C VAL A 215 -20.62 16.33 9.69
N ALA A 216 -21.11 15.25 10.31
CA ALA A 216 -22.02 14.32 9.65
C ALA A 216 -23.49 14.76 9.62
N GLU A 217 -23.82 15.95 10.16
CA GLU A 217 -25.20 16.35 10.45
C GLU A 217 -26.11 16.21 9.21
N GLY A 218 -25.59 16.52 8.00
CA GLY A 218 -26.39 16.48 6.78
C GLY A 218 -26.47 15.12 6.09
N ALA A 219 -25.73 14.13 6.59
CA ALA A 219 -25.50 12.89 5.89
C ALA A 219 -26.75 12.00 5.84
N PRO A 220 -27.02 11.37 4.67
CA PRO A 220 -28.04 10.34 4.51
C PRO A 220 -27.90 9.11 5.39
N ILE A 221 -29.04 8.58 5.83
CA ILE A 221 -29.12 7.32 6.56
C ILE A 221 -29.82 6.31 5.66
N ILE A 222 -29.21 5.13 5.49
CA ILE A 222 -29.73 4.09 4.65
C ILE A 222 -29.76 2.80 5.47
N PRO A 223 -30.89 2.07 5.49
CA PRO A 223 -30.89 0.72 6.06
C PRO A 223 -30.41 -0.31 5.04
N ILE A 224 -29.53 -1.23 5.47
CA ILE A 224 -29.00 -2.32 4.62
C ILE A 224 -28.83 -3.61 5.45
N SER A 225 -28.67 -4.76 4.75
CA SER A 225 -28.06 -5.93 5.35
C SER A 225 -26.82 -6.28 4.56
N ALA A 226 -25.63 -6.22 5.17
CA ALA A 226 -24.47 -6.67 4.43
C ALA A 226 -24.53 -8.18 4.22
N GLN A 227 -25.12 -8.90 5.17
CA GLN A 227 -25.15 -10.35 5.11
C GLN A 227 -26.08 -10.79 3.99
N LEU A 228 -27.27 -10.18 3.90
CA LEU A 228 -28.27 -10.61 2.92
C LEU A 228 -28.25 -9.70 1.69
N LYS A 229 -27.37 -8.69 1.72
CA LYS A 229 -27.16 -7.75 0.63
C LYS A 229 -28.46 -7.04 0.23
N TYR A 230 -29.28 -6.67 1.24
CA TYR A 230 -30.41 -5.77 1.08
C TYR A 230 -29.93 -4.35 0.83
N ASN A 231 -30.58 -3.65 -0.13
CA ASN A 231 -30.45 -2.21 -0.33
C ASN A 231 -29.04 -1.80 -0.78
N ILE A 232 -28.24 -2.75 -1.27
CA ILE A 232 -26.90 -2.39 -1.69
C ILE A 232 -26.97 -1.45 -2.89
N GLU A 233 -27.99 -1.64 -3.74
CA GLU A 233 -28.20 -0.80 -4.90
C GLU A 233 -28.30 0.66 -4.47
N VAL A 234 -28.92 0.90 -3.31
CA VAL A 234 -29.10 2.25 -2.79
C VAL A 234 -27.75 2.83 -2.42
N VAL A 235 -26.90 2.01 -1.81
CA VAL A 235 -25.62 2.51 -1.39
C VAL A 235 -24.87 2.96 -2.64
N CYS A 236 -24.98 2.18 -3.71
CA CYS A 236 -24.36 2.51 -4.98
C CYS A 236 -24.96 3.79 -5.56
N GLU A 237 -26.31 3.90 -5.55
CA GLU A 237 -26.99 5.10 -6.01
C GLU A 237 -26.46 6.34 -5.28
N TYR A 238 -26.40 6.25 -3.95
CA TYR A 238 -25.99 7.38 -3.15
C TYR A 238 -24.48 7.59 -3.22
N ILE A 239 -23.67 6.56 -3.48
CA ILE A 239 -22.27 6.76 -3.83
C ILE A 239 -22.13 7.55 -5.14
N VAL A 240 -22.98 7.28 -6.14
CA VAL A 240 -22.94 8.08 -7.36
C VAL A 240 -23.48 9.49 -7.12
N LYS A 241 -24.51 9.65 -6.26
CA LYS A 241 -25.22 10.92 -6.23
C LYS A 241 -24.73 11.84 -5.11
N LYS A 242 -24.65 11.36 -3.85
CA LYS A 242 -24.24 12.22 -2.73
C LYS A 242 -22.75 12.59 -2.79
N ILE A 243 -21.89 11.65 -3.19
CA ILE A 243 -20.46 11.89 -3.14
C ILE A 243 -20.01 12.51 -4.46
N PRO A 244 -19.56 13.79 -4.43
CA PRO A 244 -19.17 14.43 -5.66
C PRO A 244 -17.77 13.97 -6.06
N VAL A 245 -17.49 14.19 -7.34
CA VAL A 245 -16.17 14.01 -7.92
C VAL A 245 -15.18 14.89 -7.18
N PRO A 246 -14.16 14.33 -6.51
CA PRO A 246 -13.25 15.14 -5.69
C PRO A 246 -12.24 15.80 -6.62
N PRO A 247 -11.61 16.89 -6.20
CA PRO A 247 -10.56 17.49 -7.00
C PRO A 247 -9.28 16.66 -6.87
N ARG A 248 -8.43 16.67 -7.91
CA ARG A 248 -7.16 15.94 -7.89
C ARG A 248 -6.04 16.79 -8.47
N ASP A 249 -4.83 16.37 -8.12
CA ASP A 249 -3.64 17.03 -8.60
C ASP A 249 -3.02 16.14 -9.66
N PHE A 250 -3.52 16.09 -10.88
CA PHE A 250 -2.92 15.25 -11.91
C PHE A 250 -1.68 15.94 -12.50
N THR A 251 -1.57 17.27 -12.40
CA THR A 251 -0.55 17.99 -13.15
C THR A 251 0.87 18.04 -12.54
N SER A 252 0.98 18.04 -11.19
CA SER A 252 2.27 17.95 -10.53
C SER A 252 3.03 16.68 -10.92
N GLU A 253 4.36 16.69 -10.70
CA GLU A 253 5.14 15.46 -10.75
C GLU A 253 4.70 14.57 -9.58
N PRO A 254 4.55 13.24 -9.79
CA PRO A 254 3.85 12.34 -8.86
C PRO A 254 4.56 12.13 -7.52
N ARG A 255 3.79 11.68 -6.55
CA ARG A 255 4.27 11.19 -5.26
C ARG A 255 3.32 10.09 -4.82
N LEU A 256 3.92 9.01 -4.33
CA LEU A 256 3.18 7.84 -3.87
C LEU A 256 3.75 7.50 -2.50
N ILE A 257 2.90 6.96 -1.65
CA ILE A 257 3.35 6.45 -0.37
C ILE A 257 3.39 4.93 -0.43
N VAL A 258 4.53 4.32 -0.13
CA VAL A 258 4.62 2.87 -0.15
C VAL A 258 3.95 2.31 1.09
N ILE A 259 2.85 1.59 0.84
CA ILE A 259 2.01 1.04 1.88
C ILE A 259 2.23 -0.47 1.98
N ARG A 260 2.57 -1.13 0.88
CA ARG A 260 3.07 -2.48 0.88
C ARG A 260 4.32 -2.52 0.00
N SER A 261 5.23 -3.47 0.27
CA SER A 261 6.22 -3.81 -0.74
C SER A 261 6.48 -5.31 -0.77
N PHE A 262 6.76 -5.82 -1.96
CA PHE A 262 6.76 -7.26 -2.20
C PHE A 262 8.03 -7.71 -2.90
N ASP A 263 8.42 -8.94 -2.59
CA ASP A 263 9.28 -9.69 -3.48
C ASP A 263 8.41 -10.72 -4.18
N VAL A 264 8.26 -10.60 -5.49
CA VAL A 264 7.35 -11.48 -6.21
C VAL A 264 7.97 -12.83 -6.53
N ASN A 265 9.29 -12.99 -6.30
CA ASN A 265 10.02 -14.17 -6.72
C ASN A 265 9.83 -15.24 -5.67
N LYS A 266 9.27 -16.35 -6.20
CA LYS A 266 9.06 -17.53 -5.39
C LYS A 266 10.34 -18.33 -5.37
N PRO A 267 10.80 -18.85 -4.19
CA PRO A 267 11.98 -19.67 -4.11
C PRO A 267 12.12 -20.63 -5.29
N GLY A 268 13.37 -20.88 -5.69
CA GLY A 268 13.67 -21.81 -6.75
C GLY A 268 13.94 -21.07 -8.06
N CYS A 269 13.91 -19.73 -7.98
CA CYS A 269 13.71 -18.97 -9.20
C CYS A 269 14.91 -19.09 -10.12
N GLU A 270 14.65 -19.43 -11.39
CA GLU A 270 15.74 -19.44 -12.35
C GLU A 270 16.05 -18.02 -12.81
N VAL A 271 17.21 -17.84 -13.45
CA VAL A 271 17.82 -16.53 -13.40
C VAL A 271 17.08 -15.57 -14.32
N ASP A 272 16.72 -16.05 -15.51
CA ASP A 272 16.05 -15.20 -16.49
C ASP A 272 14.67 -14.75 -15.98
N ASP A 273 14.09 -15.50 -15.04
CA ASP A 273 12.74 -15.35 -14.57
C ASP A 273 12.73 -14.55 -13.26
N LEU A 274 13.90 -14.07 -12.82
CA LEU A 274 13.97 -13.22 -11.65
C LEU A 274 13.21 -11.93 -11.97
N LYS A 275 12.54 -11.36 -11.00
CA LYS A 275 11.70 -10.19 -11.25
C LYS A 275 11.99 -9.12 -10.22
N GLY A 276 11.58 -7.89 -10.55
CA GLY A 276 11.74 -6.72 -9.70
C GLY A 276 11.07 -6.84 -8.34
N GLY A 277 11.44 -5.97 -7.43
CA GLY A 277 10.63 -5.78 -6.24
C GLY A 277 9.50 -4.84 -6.59
N VAL A 278 8.34 -5.02 -5.96
CA VAL A 278 7.12 -4.28 -6.30
C VAL A 278 6.72 -3.37 -5.15
N ALA A 279 6.53 -2.08 -5.47
CA ALA A 279 6.08 -1.11 -4.46
C ALA A 279 4.59 -0.87 -4.62
N GLY A 280 3.81 -1.10 -3.55
CA GLY A 280 2.38 -0.87 -3.60
C GLY A 280 1.99 0.33 -2.76
N GLY A 281 1.21 1.28 -3.29
CA GLY A 281 0.79 2.42 -2.50
C GLY A 281 -0.36 3.21 -3.12
N SER A 282 -0.80 4.25 -2.41
CA SER A 282 -1.76 5.20 -2.99
C SER A 282 -1.02 6.47 -3.40
N ILE A 283 -1.15 6.80 -4.70
CA ILE A 283 -0.62 7.99 -5.33
C ILE A 283 -1.38 9.20 -4.78
N LEU A 284 -0.67 10.30 -4.53
CA LEU A 284 -1.31 11.48 -3.98
C LEU A 284 -1.52 12.59 -5.00
N LYS A 285 -0.75 12.54 -6.07
CA LYS A 285 -0.60 13.62 -7.04
C LYS A 285 -0.06 12.96 -8.29
N GLY A 286 -0.06 13.70 -9.39
CA GLY A 286 0.61 13.35 -10.63
C GLY A 286 0.18 11.99 -11.15
N VAL A 287 0.89 11.59 -12.19
CA VAL A 287 0.70 10.30 -12.79
C VAL A 287 2.04 9.56 -12.92
N LEU A 288 2.03 8.30 -12.49
CA LEU A 288 3.11 7.38 -12.80
C LEU A 288 2.88 6.84 -14.20
N LYS A 289 3.95 6.62 -14.95
CA LYS A 289 3.86 6.17 -16.31
C LYS A 289 4.82 4.98 -16.45
N VAL A 290 4.48 3.97 -17.24
CA VAL A 290 5.40 2.88 -17.50
C VAL A 290 6.65 3.42 -18.20
N GLY A 291 7.81 2.92 -17.74
CA GLY A 291 9.09 3.40 -18.26
C GLY A 291 9.55 4.75 -17.71
N GLN A 292 8.77 5.37 -16.83
CA GLN A 292 9.19 6.59 -16.17
C GLN A 292 10.35 6.26 -15.24
N GLU A 293 11.21 7.27 -15.03
CA GLU A 293 12.30 7.07 -14.10
C GLU A 293 11.92 7.71 -12.79
N ILE A 294 12.23 6.98 -11.70
CA ILE A 294 11.78 7.30 -10.38
C ILE A 294 12.91 7.29 -9.37
N GLU A 295 12.68 7.88 -8.21
CA GLU A 295 13.55 7.73 -7.06
C GLU A 295 12.66 7.54 -5.82
N VAL A 296 13.27 7.16 -4.70
CA VAL A 296 12.60 6.77 -3.47
C VAL A 296 13.34 7.41 -2.31
N ARG A 297 12.61 8.00 -1.37
CA ARG A 297 13.21 8.66 -0.21
C ARG A 297 12.51 8.15 1.04
N PRO A 298 13.21 8.06 2.18
CA PRO A 298 14.63 8.42 2.29
C PRO A 298 15.58 7.46 1.57
N GLY A 299 15.09 6.28 1.16
CA GLY A 299 15.93 5.34 0.43
C GLY A 299 16.66 4.40 1.39
N ILE A 300 17.94 4.16 1.16
CA ILE A 300 18.75 3.37 2.07
C ILE A 300 19.27 4.25 3.21
N VAL A 301 19.02 3.82 4.47
CA VAL A 301 19.53 4.50 5.65
C VAL A 301 20.80 3.79 6.10
N SER A 302 21.81 4.61 6.38
CA SER A 302 23.14 4.16 6.75
C SER A 302 23.67 5.07 7.87
N LYS A 303 24.61 4.53 8.66
CA LYS A 303 25.07 5.16 9.90
C LYS A 303 26.57 5.46 9.80
N ASP A 304 26.92 6.75 9.88
CA ASP A 304 28.27 7.27 9.71
C ASP A 304 29.14 6.86 10.91
N SER A 305 30.46 7.06 10.75
CA SER A 305 31.47 7.04 11.79
C SER A 305 30.95 7.54 13.16
N GLU A 306 30.33 8.73 13.19
CA GLU A 306 29.92 9.32 14.47
C GLU A 306 28.46 8.97 14.83
N GLY A 307 27.90 7.94 14.18
CA GLY A 307 26.50 7.58 14.34
C GLY A 307 25.55 8.47 13.54
N LYS A 308 26.09 9.53 12.88
CA LYS A 308 25.34 10.51 12.11
C LYS A 308 24.64 9.82 10.94
N LEU A 309 23.34 10.13 10.74
CA LEU A 309 22.53 9.48 9.72
C LEU A 309 22.96 9.96 8.33
N MET A 310 22.87 9.04 7.38
CA MET A 310 23.21 9.30 6.00
C MET A 310 22.23 8.52 5.13
N CYS A 311 21.69 9.17 4.07
CA CYS A 311 20.64 8.59 3.26
C CYS A 311 20.92 8.66 1.77
N LYS A 312 20.80 7.48 1.12
CA LYS A 312 21.01 7.34 -0.31
C LYS A 312 19.68 7.04 -0.97
N PRO A 313 19.10 7.94 -1.78
CA PRO A 313 17.82 7.65 -2.39
C PRO A 313 17.99 6.49 -3.37
N ILE A 314 16.99 5.59 -3.42
CA ILE A 314 17.01 4.50 -4.37
C ILE A 314 16.47 5.02 -5.68
N PHE A 315 17.06 4.61 -6.78
CA PHE A 315 16.63 5.05 -8.10
C PHE A 315 16.25 3.80 -8.86
N SER A 316 15.33 3.99 -9.82
CA SER A 316 14.88 2.88 -10.63
C SER A 316 14.02 3.38 -11.77
N LYS A 317 13.34 2.42 -12.38
CA LYS A 317 12.52 2.67 -13.55
C LYS A 317 11.25 1.89 -13.27
N ILE A 318 10.10 2.47 -13.63
CA ILE A 318 8.86 1.70 -13.54
C ILE A 318 8.80 0.68 -14.67
N VAL A 319 8.69 -0.60 -14.30
CA VAL A 319 8.67 -1.68 -15.27
C VAL A 319 7.24 -1.96 -15.72
N SER A 320 6.31 -1.92 -14.73
CA SER A 320 4.91 -2.24 -14.95
C SER A 320 4.04 -1.51 -13.93
N LEU A 321 2.71 -1.42 -14.23
CA LEU A 321 1.77 -0.89 -13.26
C LEU A 321 0.51 -1.76 -13.13
N PHE A 322 0.02 -1.89 -11.89
CA PHE A 322 -1.15 -2.68 -11.57
C PHE A 322 -2.15 -1.88 -10.73
N ALA A 323 -3.45 -2.10 -10.90
CA ALA A 323 -4.41 -1.88 -9.84
C ALA A 323 -5.24 -3.14 -9.73
N GLU A 324 -5.09 -3.86 -8.61
CA GLU A 324 -5.64 -5.20 -8.52
C GLU A 324 -5.22 -5.93 -9.79
N HIS A 325 -6.12 -6.63 -10.51
CA HIS A 325 -5.69 -7.52 -11.56
C HIS A 325 -5.58 -6.79 -12.89
N ASN A 326 -5.68 -5.47 -12.89
CA ASN A 326 -5.71 -4.70 -14.10
C ASN A 326 -4.36 -4.01 -14.35
N ASP A 327 -3.80 -4.28 -15.53
CA ASP A 327 -2.56 -3.70 -15.96
C ASP A 327 -2.84 -2.27 -16.40
N LEU A 328 -1.87 -1.39 -16.20
CA LEU A 328 -1.99 0.02 -16.52
C LEU A 328 -0.77 0.43 -17.29
N GLN A 329 -0.90 1.45 -18.13
CA GLN A 329 0.24 2.17 -18.64
C GLN A 329 0.43 3.51 -17.94
N TYR A 330 -0.63 3.99 -17.30
CA TYR A 330 -0.46 5.11 -16.41
C TYR A 330 -1.37 4.91 -15.22
N ALA A 331 -0.94 5.45 -14.11
CA ALA A 331 -1.70 5.31 -12.89
C ALA A 331 -1.82 6.65 -12.19
N ALA A 332 -3.01 6.84 -11.62
CA ALA A 332 -3.54 8.10 -11.16
C ALA A 332 -4.15 7.96 -9.78
N PRO A 333 -4.13 9.02 -8.96
CA PRO A 333 -4.51 8.90 -7.55
C PRO A 333 -5.84 8.19 -7.45
N GLY A 334 -5.90 7.37 -6.38
CA GLY A 334 -7.08 6.60 -6.07
C GLY A 334 -6.80 5.11 -6.18
N GLY A 335 -7.30 4.34 -5.26
CA GLY A 335 -7.02 2.93 -5.34
C GLY A 335 -5.69 2.70 -4.67
N LEU A 336 -5.24 1.42 -4.67
CA LEU A 336 -3.87 1.04 -4.33
C LEU A 336 -3.23 0.53 -5.61
N ILE A 337 -2.11 1.18 -5.99
CA ILE A 337 -1.48 0.96 -7.27
C ILE A 337 -0.16 0.25 -6.99
N GLY A 338 0.07 -0.86 -7.70
CA GLY A 338 1.28 -1.65 -7.64
C GLY A 338 2.23 -1.22 -8.74
N VAL A 339 3.46 -0.94 -8.34
CA VAL A 339 4.48 -0.42 -9.23
C VAL A 339 5.55 -1.51 -9.35
N GLY A 340 5.74 -2.07 -10.55
CA GLY A 340 6.87 -2.95 -10.77
C GLY A 340 8.12 -2.14 -11.06
N THR A 341 9.29 -2.58 -10.55
CA THR A 341 10.49 -1.79 -10.67
C THR A 341 11.68 -2.68 -11.02
N LYS A 342 12.86 -2.04 -11.23
CA LYS A 342 14.12 -2.74 -11.35
C LYS A 342 14.71 -3.07 -9.98
N ILE A 343 14.26 -2.37 -8.92
CA ILE A 343 14.89 -2.39 -7.60
C ILE A 343 15.12 -3.82 -7.09
N ASP A 344 16.28 -4.07 -6.49
CA ASP A 344 16.62 -5.40 -6.03
C ASP A 344 15.61 -5.83 -4.96
N PRO A 345 15.02 -7.06 -5.08
CA PRO A 345 13.95 -7.51 -4.20
C PRO A 345 14.30 -7.45 -2.72
N THR A 346 15.59 -7.50 -2.43
CA THR A 346 16.09 -7.44 -1.06
C THR A 346 15.60 -6.19 -0.37
N LEU A 347 15.34 -5.12 -1.16
CA LEU A 347 14.83 -3.86 -0.61
C LEU A 347 13.30 -3.82 -0.44
N CYS A 348 12.57 -4.57 -1.28
CA CYS A 348 11.11 -4.61 -1.24
C CYS A 348 10.53 -5.72 -0.38
N ARG A 349 11.21 -6.89 -0.28
CA ARG A 349 10.74 -8.12 0.34
C ARG A 349 10.18 -7.88 1.75
N ALA A 350 9.14 -8.67 2.11
CA ALA A 350 8.44 -8.54 3.38
C ALA A 350 8.29 -7.09 3.85
N ASP A 351 7.74 -6.24 2.99
CA ASP A 351 7.33 -4.88 3.30
C ASP A 351 8.46 -3.98 3.80
N ARG A 352 9.71 -4.26 3.43
CA ARG A 352 10.85 -3.48 3.92
C ARG A 352 10.80 -2.00 3.46
N MET A 353 10.18 -1.70 2.31
CA MET A 353 10.08 -0.31 1.85
C MET A 353 8.82 0.42 2.37
N VAL A 354 7.96 -0.24 3.13
CA VAL A 354 6.80 0.44 3.64
C VAL A 354 7.28 1.63 4.44
N GLY A 355 6.67 2.81 4.20
CA GLY A 355 7.05 4.05 4.87
C GLY A 355 7.76 5.00 3.91
N GLN A 356 8.41 4.42 2.89
CA GLN A 356 9.10 5.19 1.88
C GLN A 356 8.11 5.98 1.03
N VAL A 357 8.63 7.04 0.41
CA VAL A 357 7.93 7.82 -0.59
C VAL A 357 8.57 7.55 -1.95
N LEU A 358 7.74 7.46 -2.98
CA LEU A 358 8.19 7.10 -4.31
C LEU A 358 7.71 8.19 -5.24
N GLY A 359 8.47 8.50 -6.31
CA GLY A 359 8.03 9.52 -7.27
C GLY A 359 9.07 9.81 -8.35
N ALA A 360 8.77 10.80 -9.19
CA ALA A 360 9.64 11.11 -10.31
C ALA A 360 10.93 11.73 -9.80
N VAL A 361 11.97 11.67 -10.65
CA VAL A 361 13.26 12.04 -10.10
C VAL A 361 13.27 13.55 -9.82
N GLY A 362 13.79 13.93 -8.65
CA GLY A 362 13.93 15.34 -8.30
C GLY A 362 12.62 15.97 -7.85
N ALA A 363 11.56 15.18 -7.90
CA ALA A 363 10.24 15.66 -7.50
C ALA A 363 10.03 15.50 -5.99
N LEU A 364 10.81 14.63 -5.36
CA LEU A 364 10.39 14.17 -4.04
C LEU A 364 10.68 15.21 -2.96
N PRO A 365 9.98 15.09 -1.80
CA PRO A 365 10.17 16.00 -0.68
C PRO A 365 11.50 15.79 -0.01
N GLU A 366 11.78 16.71 0.89
CA GLU A 366 12.99 16.67 1.70
C GLU A 366 12.88 15.58 2.79
N ILE A 367 14.05 15.15 3.24
CA ILE A 367 14.16 14.08 4.21
C ILE A 367 14.39 14.69 5.58
N PHE A 368 13.61 14.29 6.58
CA PHE A 368 13.68 14.91 7.89
C PHE A 368 14.01 13.90 9.00
N THR A 369 14.72 14.43 10.01
CA THR A 369 15.01 13.72 11.25
C THR A 369 14.45 14.41 12.49
N GLU A 370 14.17 15.73 12.39
CA GLU A 370 13.57 16.44 13.51
C GLU A 370 12.44 17.35 13.01
N LEU A 371 11.39 17.49 13.85
CA LEU A 371 10.18 18.22 13.51
C LEU A 371 9.77 19.14 14.66
N GLU A 372 9.42 20.39 14.35
CA GLU A 372 8.62 21.21 15.24
C GLU A 372 7.18 21.17 14.77
N ILE A 373 6.26 20.93 15.71
CA ILE A 373 4.89 20.57 15.39
C ILE A 373 3.91 21.36 16.28
N SER A 374 2.72 21.66 15.74
CA SER A 374 1.62 22.17 16.54
C SER A 374 0.61 21.04 16.73
N TYR A 375 0.20 20.78 17.97
CA TYR A 375 -0.37 19.47 18.30
C TYR A 375 -1.56 19.58 19.26
N PHE A 376 -2.43 18.57 19.19
CA PHE A 376 -3.78 18.60 19.75
C PHE A 376 -4.09 17.17 20.18
N LEU A 377 -4.74 17.02 21.33
CA LEU A 377 -4.87 15.69 21.93
C LEU A 377 -6.33 15.33 22.17
N LEU A 378 -6.55 14.03 22.40
CA LEU A 378 -7.87 13.53 22.75
C LEU A 378 -8.20 13.93 24.20
N ARG A 379 -9.20 14.81 24.37
CA ARG A 379 -9.63 15.30 25.68
C ARG A 379 -10.13 14.16 26.56
N ARG A 380 -10.64 13.09 25.92
CA ARG A 380 -11.12 11.91 26.61
C ARG A 380 -10.07 10.79 26.61
N LEU A 381 -9.92 10.16 27.79
CA LEU A 381 -8.97 9.09 28.03
C LEU A 381 -9.53 7.79 27.45
N LEU A 382 -9.77 7.75 26.12
CA LEU A 382 -10.60 6.77 25.42
C LEU A 382 -9.96 5.38 25.42
N GLY A 383 -10.86 4.38 25.33
CA GLY A 383 -10.56 3.06 24.81
C GLY A 383 -11.58 2.63 23.75
N GLN A 396 -2.71 12.75 29.03
CA GLN A 396 -2.26 14.14 29.36
C GLN A 396 -1.06 14.56 28.50
N LYS A 397 -0.80 15.88 28.50
CA LYS A 397 0.12 16.55 27.58
C LYS A 397 1.58 16.12 27.76
N LEU A 398 2.45 16.63 26.89
CA LEU A 398 3.81 16.13 26.66
C LEU A 398 4.77 16.35 27.85
N SER A 399 5.89 15.60 27.87
CA SER A 399 7.06 15.90 28.70
C SER A 399 8.36 15.67 27.94
N LYS A 400 9.47 16.29 28.37
CA LYS A 400 10.75 16.16 27.66
C LYS A 400 11.28 14.72 27.72
N ASN A 401 11.94 14.34 26.62
CA ASN A 401 12.53 13.03 26.39
C ASN A 401 11.51 11.88 26.58
N GLU A 402 10.21 12.20 26.44
CA GLU A 402 9.13 11.22 26.43
C GLU A 402 9.20 10.35 25.16
N VAL A 403 8.94 9.04 25.35
CA VAL A 403 8.90 8.05 24.28
C VAL A 403 7.57 8.15 23.53
N LEU A 404 7.68 8.21 22.18
CA LEU A 404 6.52 8.18 21.30
C LEU A 404 6.72 7.19 20.15
N MET A 405 5.60 6.67 19.63
CA MET A 405 5.58 6.15 18.28
C MET A 405 4.67 7.05 17.42
N VAL A 406 5.17 7.40 16.21
CA VAL A 406 4.64 8.51 15.43
C VAL A 406 4.35 8.03 14.01
N ASN A 407 3.19 8.39 13.47
CA ASN A 407 2.76 7.94 12.16
C ASN A 407 2.81 9.10 11.17
N ILE A 408 3.71 8.99 10.18
CA ILE A 408 3.93 10.00 9.15
C ILE A 408 3.83 9.30 7.80
N GLY A 409 2.87 9.69 6.96
CA GLY A 409 2.58 8.82 5.84
C GLY A 409 2.36 7.39 6.35
N SER A 410 2.95 6.38 5.67
CA SER A 410 2.75 5.00 6.09
C SER A 410 3.79 4.58 7.14
N LEU A 411 4.70 5.50 7.50
CA LEU A 411 5.82 5.19 8.38
C LEU A 411 5.45 5.43 9.83
N SER A 412 5.11 4.33 10.51
CA SER A 412 5.23 4.25 11.95
C SER A 412 6.71 4.21 12.34
N THR A 413 7.21 5.27 12.98
CA THR A 413 8.57 5.32 13.51
C THR A 413 8.54 5.56 15.02
N GLY A 414 9.55 5.08 15.73
CA GLY A 414 9.88 5.67 17.03
C GLY A 414 10.25 7.14 16.91
N GLY A 415 9.88 7.92 17.93
CA GLY A 415 10.26 9.32 18.06
C GLY A 415 10.35 9.70 19.54
N ARG A 416 11.10 10.75 19.86
CA ARG A 416 11.30 11.17 21.24
C ARG A 416 11.27 12.70 21.36
N VAL A 417 10.67 13.19 22.47
CA VAL A 417 10.35 14.60 22.63
C VAL A 417 11.60 15.41 23.02
N SER A 418 11.75 16.58 22.39
CA SER A 418 12.88 17.47 22.65
C SER A 418 12.44 18.73 23.42
N ALA A 419 11.26 19.31 23.14
CA ALA A 419 10.78 20.54 23.82
C ALA A 419 9.26 20.72 23.70
N VAL A 420 8.65 21.55 24.58
CA VAL A 420 7.20 21.52 24.83
C VAL A 420 6.60 22.93 25.04
N LYS A 421 5.39 23.16 24.49
CA LYS A 421 4.44 24.24 24.80
C LYS A 421 2.99 23.70 24.69
N ALA A 422 2.00 24.55 25.05
CA ALA A 422 0.60 24.13 25.25
C ALA A 422 -0.09 23.60 23.99
N ASP A 423 0.36 24.04 22.79
CA ASP A 423 -0.09 23.43 21.55
C ASP A 423 1.01 23.43 20.47
N LEU A 424 2.27 23.44 20.92
CA LEU A 424 3.46 23.36 20.04
C LEU A 424 4.59 22.59 20.73
N GLY A 425 5.48 21.93 19.96
CA GLY A 425 6.63 21.21 20.53
C GLY A 425 7.62 20.72 19.47
N LYS A 426 8.59 19.87 19.89
CA LYS A 426 9.64 19.36 19.01
C LYS A 426 9.87 17.84 19.19
N ILE A 427 10.07 17.10 18.07
CA ILE A 427 10.35 15.66 18.08
C ILE A 427 11.61 15.33 17.27
N VAL A 428 12.41 14.38 17.79
CA VAL A 428 13.51 13.75 17.07
C VAL A 428 13.12 12.31 16.75
N LEU A 429 13.43 11.89 15.53
CA LEU A 429 12.89 10.68 14.95
C LEU A 429 13.94 9.59 14.95
N THR A 430 13.48 8.37 15.24
CA THR A 430 14.32 7.19 15.18
C THR A 430 14.76 6.96 13.74
N ASN A 431 13.75 6.79 12.86
CA ASN A 431 14.02 6.58 11.45
C ASN A 431 13.78 7.91 10.72
N PRO A 432 14.60 8.29 9.72
CA PRO A 432 14.31 9.46 8.90
C PRO A 432 13.09 9.21 8.02
N VAL A 433 12.41 10.31 7.66
CA VAL A 433 11.16 10.27 6.93
C VAL A 433 11.26 11.23 5.75
N CYS A 434 10.47 10.96 4.71
CA CYS A 434 10.31 11.92 3.65
C CYS A 434 8.92 12.53 3.76
N THR A 435 8.81 13.86 3.83
CA THR A 435 7.53 14.49 4.18
C THR A 435 7.56 16.00 3.89
N GLU A 436 6.41 16.66 4.08
CA GLU A 436 6.20 18.05 3.67
C GLU A 436 5.87 18.87 4.92
N VAL A 437 6.41 20.08 5.00
CA VAL A 437 6.00 21.00 6.06
C VAL A 437 4.52 21.30 5.91
N GLY A 438 3.80 21.32 7.04
CA GLY A 438 2.35 21.40 7.06
C GLY A 438 1.66 20.05 7.16
N GLU A 439 2.31 18.96 6.73
CA GLU A 439 1.66 17.66 6.66
C GLU A 439 1.26 17.19 8.07
N LYS A 440 0.11 16.51 8.16
CA LYS A 440 -0.42 15.99 9.41
C LYS A 440 0.45 14.81 9.89
N ILE A 441 0.65 14.69 11.22
CA ILE A 441 1.28 13.52 11.82
C ILE A 441 0.52 13.10 13.08
N ALA A 442 0.59 11.83 13.46
CA ALA A 442 -0.18 11.30 14.57
C ALA A 442 0.76 10.68 15.59
N LEU A 443 0.33 10.70 16.87
CA LEU A 443 1.20 10.44 18.02
C LEU A 443 0.61 9.33 18.88
N SER A 444 1.44 8.37 19.30
CA SER A 444 1.02 7.28 20.19
C SER A 444 1.99 7.10 21.36
N ARG A 445 1.44 6.71 22.53
CA ARG A 445 2.15 6.48 23.79
C ARG A 445 1.94 5.03 24.22
N ARG A 446 2.92 4.45 24.94
CA ARG A 446 2.88 3.03 25.28
C ARG A 446 2.02 2.79 26.52
N VAL A 447 0.76 3.28 26.49
CA VAL A 447 -0.23 3.23 27.57
C VAL A 447 -0.68 1.80 27.87
N GLU A 448 -0.83 1.46 29.17
CA GLU A 448 -1.02 0.08 29.61
C GLU A 448 0.02 -0.86 28.94
N LYS A 449 1.24 -0.32 28.82
CA LYS A 449 2.45 -0.97 28.32
C LYS A 449 2.38 -1.30 26.83
N HIS A 450 1.40 -0.74 26.08
CA HIS A 450 1.22 -1.01 24.64
C HIS A 450 0.76 0.27 23.92
N TRP A 451 0.88 0.33 22.59
CA TRP A 451 0.67 1.58 21.86
C TRP A 451 -0.82 1.93 21.75
N ARG A 452 -1.20 3.15 22.19
CA ARG A 452 -2.45 3.80 21.83
C ARG A 452 -2.18 5.21 21.27
N LEU A 453 -3.02 5.65 20.32
CA LEU A 453 -2.96 7.03 19.83
C LEU A 453 -3.43 7.96 20.94
N ILE A 454 -2.79 9.15 20.98
CA ILE A 454 -3.13 10.18 21.95
C ILE A 454 -3.54 11.50 21.24
N GLY A 455 -3.08 11.73 20.02
CA GLY A 455 -3.44 12.94 19.30
C GLY A 455 -2.64 13.08 18.00
N TRP A 456 -2.56 14.33 17.52
CA TRP A 456 -1.95 14.63 16.24
C TRP A 456 -1.34 16.01 16.22
N GLY A 457 -0.63 16.35 15.15
CA GLY A 457 -0.23 17.73 14.90
C GLY A 457 0.15 17.99 13.44
N GLN A 458 0.33 19.25 13.09
CA GLN A 458 0.96 19.63 11.83
C GLN A 458 2.45 19.88 12.03
N ILE A 459 3.26 19.57 11.02
CA ILE A 459 4.65 20.00 10.96
C ILE A 459 4.68 21.50 10.65
N ARG A 460 5.50 22.31 11.35
CA ARG A 460 5.64 23.73 11.03
C ARG A 460 7.09 24.11 10.65
N ARG A 461 8.07 23.40 11.20
CA ARG A 461 9.48 23.54 10.83
C ARG A 461 10.17 22.19 11.03
N GLY A 462 11.37 22.01 10.46
CA GLY A 462 12.10 20.77 10.68
C GLY A 462 13.57 20.78 10.22
N VAL A 463 14.28 19.68 10.55
CA VAL A 463 15.69 19.50 10.27
C VAL A 463 15.89 18.36 9.28
N THR A 464 16.72 18.58 8.26
CA THR A 464 16.80 17.68 7.12
C THR A 464 18.20 17.10 6.89
N ILE A 465 18.26 15.92 6.28
CA ILE A 465 19.49 15.31 5.79
C ILE A 465 19.72 15.73 4.35
N LYS A 466 20.96 16.12 4.04
CA LYS A 466 21.39 16.25 2.64
C LYS A 466 21.44 14.84 2.06
N PRO A 467 20.80 14.61 0.90
CA PRO A 467 20.93 13.30 0.25
C PRO A 467 22.33 13.15 -0.32
N THR A 468 22.85 11.91 -0.28
CA THR A 468 24.14 11.60 -0.86
C THR A 468 23.92 10.77 -2.14
N VAL A 469 24.19 11.37 -3.31
CA VAL A 469 23.92 10.75 -4.61
C VAL A 469 25.24 10.58 -5.36
N ASP A 470 25.54 9.34 -5.75
CA ASP A 470 26.70 9.00 -6.58
C ASP A 470 26.34 9.16 -8.07
N ASP A 471 26.78 10.31 -8.63
CA ASP A 471 26.37 10.86 -9.92
C ASP A 471 26.14 9.80 -11.01
N THR B 185 32.62 -45.65 -12.61
CA THR B 185 32.91 -44.22 -12.32
C THR B 185 32.63 -43.95 -10.85
N PRO B 186 33.37 -42.99 -10.22
CA PRO B 186 33.03 -42.52 -8.87
C PRO B 186 31.75 -41.72 -8.94
N GLN B 187 30.61 -42.40 -8.70
CA GLN B 187 29.34 -41.99 -9.30
C GLN B 187 29.07 -40.52 -9.04
N ALA B 188 28.53 -39.86 -10.06
CA ALA B 188 28.60 -38.42 -10.23
C ALA B 188 28.25 -37.66 -8.95
N VAL B 189 29.02 -36.59 -8.70
CA VAL B 189 28.94 -35.85 -7.47
C VAL B 189 28.23 -34.52 -7.72
N LYS B 190 27.41 -34.11 -6.75
CA LYS B 190 26.65 -32.87 -6.76
C LYS B 190 27.36 -31.86 -5.86
N ILE B 191 27.66 -30.67 -6.38
CA ILE B 191 28.51 -29.69 -5.68
C ILE B 191 27.81 -28.33 -5.69
N ARG B 192 27.88 -27.61 -4.56
CA ARG B 192 27.07 -26.40 -4.40
C ARG B 192 27.78 -25.32 -3.60
N ALA B 193 27.59 -24.07 -4.04
CA ALA B 193 27.95 -22.86 -3.32
C ALA B 193 26.71 -21.98 -3.12
N ASP B 194 26.66 -21.35 -1.93
CA ASP B 194 25.67 -20.32 -1.62
C ASP B 194 26.35 -18.96 -1.72
N ILE B 195 25.74 -18.05 -2.47
CA ILE B 195 26.31 -16.82 -2.97
C ILE B 195 25.28 -15.73 -2.74
N GLU B 196 25.73 -14.55 -2.31
CA GLU B 196 24.84 -13.45 -1.98
C GLU B 196 25.14 -12.26 -2.90
N VAL B 197 24.17 -11.88 -3.73
CA VAL B 197 24.33 -11.01 -4.88
C VAL B 197 23.28 -9.91 -4.90
N ALA B 198 23.71 -8.68 -5.22
CA ALA B 198 22.85 -7.55 -4.96
C ALA B 198 23.28 -6.37 -5.80
N CYS B 199 22.32 -5.47 -5.98
CA CYS B 199 22.61 -4.18 -6.57
C CYS B 199 21.58 -3.17 -6.13
N TYR B 200 22.04 -1.99 -5.68
CA TYR B 200 21.17 -1.02 -5.04
C TYR B 200 21.17 0.33 -5.77
N GLY B 201 21.40 0.28 -7.08
CA GLY B 201 21.33 1.46 -7.93
C GLY B 201 20.63 1.14 -9.23
N TYR B 202 20.69 2.04 -10.23
CA TYR B 202 19.77 2.10 -11.36
C TYR B 202 19.36 0.71 -11.86
N GLU B 203 20.36 -0.12 -12.27
CA GLU B 203 20.12 -1.34 -13.04
C GLU B 203 19.68 -2.48 -12.14
N GLY B 204 19.76 -2.33 -10.79
CA GLY B 204 19.13 -3.27 -9.83
C GLY B 204 19.23 -4.74 -10.26
N ILE B 205 18.11 -5.41 -10.44
CA ILE B 205 18.14 -6.81 -10.79
C ILE B 205 18.61 -7.06 -12.23
N ASP B 206 18.54 -6.10 -13.15
CA ASP B 206 18.99 -6.42 -14.51
C ASP B 206 20.51 -6.56 -14.51
N ALA B 207 21.18 -5.97 -13.51
CA ALA B 207 22.60 -6.11 -13.28
C ALA B 207 22.88 -7.46 -12.66
N VAL B 208 22.09 -7.78 -11.64
CA VAL B 208 22.20 -9.08 -10.98
C VAL B 208 21.91 -10.22 -11.97
N LYS B 209 20.88 -10.10 -12.80
CA LYS B 209 20.69 -11.10 -13.82
C LYS B 209 22.00 -11.28 -14.60
N GLU B 210 22.60 -10.18 -15.05
CA GLU B 210 23.71 -10.26 -15.97
C GLU B 210 24.92 -10.97 -15.33
N ALA B 211 25.18 -10.62 -14.08
CA ALA B 211 26.22 -11.30 -13.34
C ALA B 211 25.97 -12.80 -13.38
N LEU B 212 24.83 -13.20 -12.85
CA LEU B 212 24.57 -14.60 -12.65
C LEU B 212 24.55 -15.31 -14.02
N ARG B 213 24.18 -14.61 -15.11
CA ARG B 213 24.24 -15.21 -16.43
C ARG B 213 25.70 -15.40 -16.84
N ALA B 214 26.58 -14.45 -16.51
CA ALA B 214 28.01 -14.68 -16.75
C ALA B 214 28.44 -15.95 -16.02
N GLY B 215 28.06 -16.08 -14.74
CA GLY B 215 28.18 -17.32 -14.01
C GLY B 215 27.76 -18.53 -14.86
N LEU B 216 26.58 -18.53 -15.43
CA LEU B 216 26.13 -19.68 -16.19
C LEU B 216 27.05 -19.93 -17.38
N ASN B 217 27.59 -18.89 -18.00
CA ASN B 217 28.47 -19.05 -19.15
C ASN B 217 29.77 -19.77 -18.76
N CYS B 218 30.11 -19.84 -17.48
CA CYS B 218 31.25 -20.61 -17.02
C CYS B 218 31.00 -22.12 -17.00
N SER B 219 29.79 -22.58 -17.31
CA SER B 219 29.49 -23.99 -17.40
C SER B 219 30.24 -24.62 -18.57
N THR B 220 30.45 -25.94 -18.47
CA THR B 220 31.29 -26.78 -19.33
C THR B 220 30.41 -27.89 -19.89
N GLU B 221 30.71 -28.45 -21.08
CA GLU B 221 29.88 -29.51 -21.65
C GLU B 221 29.75 -30.73 -20.74
N ASN B 222 30.81 -31.06 -20.02
CA ASN B 222 30.80 -32.16 -19.07
C ASN B 222 30.31 -31.73 -17.68
N MET B 223 30.01 -30.45 -17.48
CA MET B 223 29.60 -29.90 -16.19
C MET B 223 28.71 -28.66 -16.42
N PRO B 224 27.38 -28.80 -16.63
CA PRO B 224 26.51 -27.62 -16.61
C PRO B 224 26.46 -27.02 -15.21
N ILE B 225 26.23 -25.69 -15.15
CA ILE B 225 25.94 -25.01 -13.89
C ILE B 225 24.47 -24.60 -13.88
N LYS B 226 23.83 -24.69 -12.70
CA LYS B 226 22.47 -24.17 -12.50
C LYS B 226 22.47 -23.23 -11.31
N ILE B 227 21.91 -22.04 -11.49
CA ILE B 227 21.64 -21.10 -10.41
C ILE B 227 20.14 -20.95 -10.28
N ASN B 228 19.70 -21.03 -9.03
CA ASN B 228 18.32 -20.92 -8.63
C ASN B 228 18.33 -20.02 -7.39
N LEU B 229 17.33 -19.19 -7.22
CA LEU B 229 17.23 -18.31 -6.08
C LEU B 229 16.91 -19.08 -4.80
N ILE B 230 17.51 -18.74 -3.65
CA ILE B 230 16.96 -19.17 -2.37
C ILE B 230 15.91 -18.16 -1.96
N ALA B 231 16.38 -16.91 -1.75
CA ALA B 231 15.63 -15.79 -1.20
C ALA B 231 16.55 -14.59 -1.20
N PRO B 232 16.25 -13.43 -1.80
CA PRO B 232 17.25 -12.40 -1.99
C PRO B 232 17.85 -11.91 -0.70
N PRO B 233 19.16 -11.58 -0.69
CA PRO B 233 20.03 -11.68 -1.88
C PRO B 233 20.77 -13.01 -2.10
N ARG B 234 20.31 -14.12 -1.52
CA ARG B 234 21.03 -15.38 -1.57
C ARG B 234 20.51 -16.30 -2.70
N TYR B 235 21.44 -16.92 -3.43
CA TYR B 235 21.16 -17.82 -4.55
C TYR B 235 22.04 -19.09 -4.45
N VAL B 236 21.61 -20.17 -5.10
CA VAL B 236 22.19 -21.51 -4.99
C VAL B 236 22.73 -21.91 -6.35
N MET B 237 24.01 -22.29 -6.34
CA MET B 237 24.74 -22.61 -7.54
C MET B 237 25.18 -24.06 -7.46
N THR B 238 24.75 -24.88 -8.43
CA THR B 238 24.85 -26.32 -8.34
C THR B 238 25.51 -26.85 -9.62
N THR B 239 26.29 -27.94 -9.49
CA THR B 239 26.79 -28.68 -10.64
C THR B 239 27.02 -30.16 -10.34
N THR B 240 26.93 -31.00 -11.38
CA THR B 240 27.18 -32.43 -11.31
C THR B 240 28.47 -32.73 -12.07
N THR B 241 29.42 -33.42 -11.41
CA THR B 241 30.75 -33.68 -11.96
C THR B 241 31.16 -35.12 -11.66
N LEU B 242 32.01 -35.73 -12.51
CA LEU B 242 32.65 -36.99 -12.16
C LEU B 242 33.84 -36.84 -11.21
N GLU B 243 34.44 -35.64 -11.04
CA GLU B 243 35.45 -35.49 -10.00
C GLU B 243 35.25 -34.19 -9.21
N ARG B 244 35.39 -34.32 -7.87
CA ARG B 244 35.24 -33.22 -6.92
C ARG B 244 36.06 -32.04 -7.43
N THR B 245 37.36 -32.30 -7.61
CA THR B 245 38.34 -31.28 -7.88
C THR B 245 37.84 -30.43 -9.05
N GLU B 246 37.40 -31.06 -10.15
CA GLU B 246 37.05 -30.36 -11.38
C GLU B 246 35.81 -29.50 -11.13
N GLY B 247 34.83 -30.03 -10.39
CA GLY B 247 33.60 -29.31 -10.10
C GLY B 247 33.81 -28.15 -9.13
N LEU B 248 34.53 -28.40 -8.04
CA LEU B 248 34.85 -27.36 -7.09
C LEU B 248 35.60 -26.19 -7.75
N SER B 249 36.49 -26.49 -8.68
CA SER B 249 37.19 -25.47 -9.43
C SER B 249 36.23 -24.67 -10.30
N VAL B 250 35.40 -25.38 -11.06
CA VAL B 250 34.43 -24.74 -11.95
C VAL B 250 33.57 -23.74 -11.17
N LEU B 251 32.96 -24.16 -10.07
CA LEU B 251 32.14 -23.25 -9.28
C LEU B 251 32.99 -22.11 -8.73
N SER B 252 34.17 -22.42 -8.21
CA SER B 252 34.99 -21.39 -7.62
C SER B 252 35.47 -20.36 -8.66
N GLN B 253 35.57 -20.75 -9.93
CA GLN B 253 35.83 -19.82 -11.01
C GLN B 253 34.60 -19.00 -11.32
N ALA B 254 33.48 -19.66 -11.53
CA ALA B 254 32.26 -18.93 -11.82
C ALA B 254 31.99 -17.91 -10.71
N MET B 255 32.21 -18.26 -9.43
CA MET B 255 31.97 -17.32 -8.37
C MET B 255 32.73 -16.02 -8.67
N ALA B 256 33.95 -16.12 -9.18
CA ALA B 256 34.75 -14.93 -9.39
C ALA B 256 34.16 -14.08 -10.51
N VAL B 257 33.73 -14.74 -11.60
CA VAL B 257 33.14 -14.05 -12.75
C VAL B 257 31.98 -13.17 -12.30
N ILE B 258 31.14 -13.79 -11.48
CA ILE B 258 29.98 -13.14 -10.87
C ILE B 258 30.43 -11.96 -10.00
N LYS B 259 31.37 -12.16 -9.09
CA LYS B 259 31.79 -11.08 -8.22
C LYS B 259 32.27 -9.90 -9.06
N GLU B 260 33.12 -10.15 -10.07
CA GLU B 260 33.60 -9.07 -10.91
C GLU B 260 32.41 -8.31 -11.48
N LYS B 261 31.43 -8.99 -12.09
CA LYS B 261 30.35 -8.28 -12.74
C LYS B 261 29.53 -7.45 -11.77
N ILE B 262 29.19 -7.95 -10.59
CA ILE B 262 28.30 -7.17 -9.76
C ILE B 262 29.11 -6.02 -9.18
N GLU B 263 30.37 -6.27 -8.84
CA GLU B 263 31.20 -5.19 -8.31
C GLU B 263 31.48 -4.13 -9.38
N GLU B 264 31.56 -4.51 -10.67
CA GLU B 264 31.67 -3.61 -11.83
C GLU B 264 30.48 -2.67 -11.87
N LYS B 265 29.33 -3.16 -11.34
CA LYS B 265 28.05 -2.47 -11.45
C LYS B 265 27.61 -1.95 -10.08
N ARG B 266 28.51 -1.37 -9.31
CA ARG B 266 28.20 -0.70 -8.04
C ARG B 266 27.46 -1.60 -7.07
N GLY B 267 27.54 -2.92 -7.30
CA GLY B 267 26.76 -3.87 -6.50
C GLY B 267 27.65 -4.65 -5.54
N VAL B 268 27.08 -5.68 -4.95
CA VAL B 268 27.67 -6.34 -3.81
C VAL B 268 27.73 -7.85 -4.08
N PHE B 269 28.78 -8.49 -3.55
CA PHE B 269 28.90 -9.93 -3.56
C PHE B 269 29.56 -10.47 -2.29
N ASN B 270 29.02 -11.60 -1.78
CA ASN B 270 29.45 -12.30 -0.58
C ASN B 270 29.29 -13.79 -0.84
N VAL B 271 30.13 -14.61 -0.19
CA VAL B 271 30.00 -16.06 -0.30
C VAL B 271 29.50 -16.55 1.03
N GLN B 272 28.30 -17.15 1.02
CA GLN B 272 27.71 -17.73 2.22
C GLN B 272 28.24 -19.15 2.43
N MET B 273 28.59 -19.85 1.36
CA MET B 273 29.21 -21.15 1.53
C MET B 273 30.10 -21.48 0.34
N GLU B 274 31.44 -21.47 0.62
CA GLU B 274 32.42 -21.87 -0.39
C GLU B 274 32.06 -23.28 -0.81
N PRO B 275 32.19 -23.65 -2.10
CA PRO B 275 31.57 -24.87 -2.62
C PRO B 275 31.97 -26.17 -1.95
N LYS B 276 31.01 -26.85 -1.35
CA LYS B 276 31.18 -28.18 -0.81
C LYS B 276 30.64 -29.18 -1.83
N VAL B 277 30.89 -30.46 -1.56
CA VAL B 277 30.02 -31.48 -2.09
C VAL B 277 28.71 -31.47 -1.30
N VAL B 278 27.59 -31.62 -2.02
CA VAL B 278 26.27 -31.69 -1.41
C VAL B 278 25.92 -33.10 -1.02
N THR B 279 25.75 -33.35 0.30
CA THR B 279 25.08 -34.57 0.72
C THR B 279 23.59 -34.35 0.53
N ASP B 280 22.85 -35.41 0.18
CA ASP B 280 21.42 -35.22 0.01
C ASP B 280 20.77 -34.80 1.32
N THR B 281 21.40 -35.08 2.48
CA THR B 281 20.99 -34.48 3.76
C THR B 281 20.99 -32.95 3.70
N ASP B 282 22.13 -32.37 3.29
CA ASP B 282 22.22 -30.93 3.10
C ASP B 282 21.12 -30.45 2.14
N GLU B 283 20.89 -31.21 1.06
CA GLU B 283 19.87 -30.87 0.07
C GLU B 283 18.45 -30.86 0.66
N THR B 284 18.13 -31.75 1.60
CA THR B 284 16.83 -31.68 2.26
C THR B 284 16.74 -30.44 3.17
N GLU B 285 17.83 -30.06 3.87
CA GLU B 285 17.81 -28.86 4.71
C GLU B 285 17.59 -27.59 3.87
N LEU B 286 18.10 -27.56 2.63
CA LEU B 286 17.71 -26.57 1.62
C LEU B 286 16.22 -26.68 1.28
N ALA B 287 15.76 -27.83 0.76
CA ALA B 287 14.43 -27.97 0.18
C ALA B 287 13.34 -27.61 1.21
N ARG B 288 13.57 -28.02 2.48
CA ARG B 288 12.70 -27.65 3.59
C ARG B 288 12.75 -26.13 3.84
N GLN B 289 13.95 -25.51 3.87
CA GLN B 289 14.03 -24.07 4.07
C GLN B 289 13.44 -23.27 2.89
N MET B 290 13.40 -23.82 1.66
CA MET B 290 12.71 -23.15 0.55
C MET B 290 11.18 -23.15 0.74
N GLU B 291 10.62 -24.25 1.25
CA GLU B 291 9.20 -24.25 1.60
C GLU B 291 8.93 -23.22 2.74
N ARG B 292 9.77 -23.18 3.79
CA ARG B 292 9.72 -22.17 4.85
C ARG B 292 9.65 -20.77 4.24
N LEU B 293 10.49 -20.50 3.24
CA LEU B 293 10.57 -19.18 2.63
C LEU B 293 9.37 -18.86 1.73
N GLU B 294 8.72 -19.88 1.13
CA GLU B 294 7.43 -19.70 0.46
C GLU B 294 6.39 -19.21 1.46
N ARG B 295 6.34 -19.86 2.64
CA ARG B 295 5.40 -19.52 3.69
C ARG B 295 5.68 -18.12 4.27
N GLU B 296 6.95 -17.73 4.44
CA GLU B 296 7.30 -16.37 4.86
C GLU B 296 6.89 -15.29 3.83
N ASN B 297 6.28 -15.64 2.67
CA ASN B 297 5.75 -14.68 1.67
C ASN B 297 4.24 -14.84 1.41
N SER C 7 -16.45 22.72 17.26
CA SER C 7 -17.74 22.31 17.89
C SER C 7 -17.49 21.84 19.32
N ALA C 8 -18.51 22.00 20.18
CA ALA C 8 -18.50 21.47 21.54
C ALA C 8 -18.28 19.94 21.52
N PHE C 9 -18.87 19.26 20.53
CA PHE C 9 -18.73 17.82 20.36
C PHE C 9 -17.24 17.45 20.19
N LEU C 10 -16.56 18.11 19.26
CA LEU C 10 -15.13 17.91 19.07
C LEU C 10 -14.37 18.28 20.36
N LYS C 11 -14.65 19.43 20.97
CA LYS C 11 -13.95 19.89 22.16
C LYS C 11 -14.20 19.00 23.39
N ALA C 12 -15.32 18.28 23.44
CA ALA C 12 -15.53 17.28 24.48
C ALA C 12 -14.54 16.10 24.36
N TRP C 13 -13.97 15.90 23.15
CA TRP C 13 -13.03 14.83 22.81
C TRP C 13 -11.60 15.37 22.57
N VAL C 14 -11.39 16.72 22.52
CA VAL C 14 -10.11 17.34 22.13
C VAL C 14 -9.81 18.66 22.87
N TYR C 15 -8.50 18.95 23.05
CA TYR C 15 -7.96 20.11 23.80
C TYR C 15 -6.49 20.49 23.35
#